data_4PHS
#
_entry.id   4PHS
#
_cell.length_a   71.069
_cell.length_b   44.596
_cell.length_c   78.752
_cell.angle_alpha   90.00
_cell.angle_beta   110.51
_cell.angle_gamma   90.00
#
_symmetry.space_group_name_H-M   'C 1 2 1'
#
loop_
_entity.id
_entity.type
_entity.pdbx_description
1 polymer 'Putative glycosyltransferase (GalT1)'
2 non-polymer "URIDINE-5'-DIPHOSPHATE"
3 water water
#
_entity_poly.entity_id   1
_entity_poly.type   'polypeptide(L)'
_entity_poly.pdbx_seq_one_letter_code
;SEFELMKRLSEIKVLPILESLKYIKHNHASVVRFGDGEIDL(MSE)TGHSIPYQDYNEKLAKRLQQILQTKSDEKLLVCL
PDVFSN(MSE)DRYNQNARHFWERHFLKYSEFYLNCCDAPFYGSTFISRPYIDLIDKSPSEAYFESLKELWRGKDLLIVE
GATSRSGVGNDLFVAASSIKRLVCPSKNAFQYYDEILRLTEKNAKNRLILV(MSE)LGPTAKVLVADLTTKGYQAIDLGH
IDSEYEWYE(MSE)GATYKVKLTNKHTAEFNYDEGIELEFSQEYQEQIVARIG
;
_entity_poly.pdbx_strand_id   A
#
loop_
_chem_comp.id
_chem_comp.type
_chem_comp.name
_chem_comp.formula
UDP RNA linking URIDINE-5'-DIPHOSPHATE 'C9 H14 N2 O12 P2'
#
# COMPACT_ATOMS: atom_id res chain seq x y z
N SER A 1 -30.61 5.90 -8.62
CA SER A 1 -30.18 6.69 -7.51
C SER A 1 -28.79 6.23 -7.16
N GLU A 2 -28.62 5.70 -5.95
CA GLU A 2 -27.31 5.17 -5.60
C GLU A 2 -26.84 4.12 -6.61
N PHE A 3 -27.72 3.27 -7.08
CA PHE A 3 -27.33 2.26 -8.03
C PHE A 3 -26.83 2.80 -9.35
N GLU A 4 -27.47 3.86 -9.80
CA GLU A 4 -26.95 4.56 -10.95
C GLU A 4 -25.52 5.05 -10.75
N LEU A 5 -25.20 5.49 -9.56
CA LEU A 5 -23.84 5.85 -9.26
C LEU A 5 -22.88 4.64 -9.27
N MET A 6 -23.33 3.53 -8.70
CA MET A 6 -22.55 2.30 -8.73
C MET A 6 -22.22 1.92 -10.17
N LYS A 7 -23.21 2.00 -11.06
CA LYS A 7 -22.99 1.68 -12.46
C LYS A 7 -22.07 2.67 -13.18
N ARG A 8 -22.29 3.96 -12.99
CA ARG A 8 -21.37 4.96 -13.56
C ARG A 8 -19.93 4.71 -13.13
N LEU A 9 -19.74 4.35 -11.87
CA LEU A 9 -18.38 4.16 -11.35
C LEU A 9 -17.71 2.91 -11.92
N SER A 10 -18.51 2.00 -12.49
CA SER A 10 -17.94 0.80 -13.08
C SER A 10 -17.21 1.11 -14.39
N GLU A 11 -17.29 2.37 -14.82
CA GLU A 11 -16.50 2.87 -15.94
C GLU A 11 -15.01 2.97 -15.56
N ILE A 12 -14.71 3.06 -14.26
CA ILE A 12 -13.31 3.07 -13.83
C ILE A 12 -12.69 1.71 -14.06
N LYS A 13 -11.53 1.67 -14.70
CA LYS A 13 -10.92 0.40 -15.11
C LYS A 13 -9.62 0.14 -14.37
N VAL A 14 -9.62 -0.92 -13.56
CA VAL A 14 -8.46 -1.32 -12.77
C VAL A 14 -7.88 -2.62 -13.30
N LEU A 15 -6.56 -2.68 -13.48
CA LEU A 15 -5.89 -3.96 -13.75
C LEU A 15 -5.82 -4.76 -12.46
N PRO A 16 -6.41 -5.97 -12.43
CA PRO A 16 -6.36 -6.75 -11.20
C PRO A 16 -4.93 -7.11 -10.81
N ILE A 17 -4.74 -7.65 -9.60
CA ILE A 17 -3.41 -7.87 -9.03
C ILE A 17 -2.33 -8.44 -9.97
N LEU A 18 -2.58 -9.61 -10.54
CA LEU A 18 -1.59 -10.29 -11.37
C LEU A 18 -1.26 -9.44 -12.58
N GLU A 19 -2.28 -8.79 -13.12
CA GLU A 19 -2.11 -7.92 -14.28
C GLU A 19 -1.31 -6.66 -13.94
N SER A 20 -1.60 -6.07 -12.78
CA SER A 20 -0.85 -4.91 -12.29
C SER A 20 0.64 -5.17 -12.14
N LEU A 21 0.96 -6.35 -11.65
CA LEU A 21 2.34 -6.74 -11.44
C LEU A 21 3.13 -6.73 -12.76
N LYS A 22 2.47 -7.11 -13.85
CA LYS A 22 3.10 -7.11 -15.16
C LYS A 22 3.46 -5.71 -15.67
N TYR A 23 2.55 -4.74 -15.49
CA TYR A 23 2.82 -3.33 -15.85
C TYR A 23 4.05 -2.84 -15.10
N ILE A 24 4.07 -3.09 -13.79
CA ILE A 24 5.16 -2.65 -12.93
C ILE A 24 6.51 -3.15 -13.41
N LYS A 25 6.59 -4.45 -13.65
CA LYS A 25 7.82 -5.08 -14.12
C LYS A 25 8.24 -4.62 -15.53
N HIS A 26 7.27 -4.35 -16.40
CA HIS A 26 7.59 -3.98 -17.77
C HIS A 26 8.25 -2.59 -17.81
N ASN A 27 7.64 -1.64 -17.11
CA ASN A 27 8.14 -0.27 -17.08
C ASN A 27 9.18 -0.04 -15.98
N HIS A 28 9.37 -1.06 -15.15
CA HIS A 28 10.11 -0.91 -13.91
C HIS A 28 9.54 0.31 -13.19
N ALA A 29 8.21 0.33 -13.05
CA ALA A 29 7.49 1.52 -12.64
C ALA A 29 7.43 1.61 -11.14
N SER A 30 7.38 2.83 -10.62
CA SER A 30 7.00 3.04 -9.24
C SER A 30 5.51 2.71 -9.15
N VAL A 31 5.05 2.38 -7.96
CA VAL A 31 3.64 2.10 -7.73
C VAL A 31 3.09 2.94 -6.59
N VAL A 32 2.00 3.66 -6.83
CA VAL A 32 1.35 4.39 -5.75
C VAL A 32 -0.10 3.93 -5.67
N ARG A 33 -0.56 3.60 -4.46
CA ARG A 33 -1.90 3.06 -4.32
C ARG A 33 -2.83 3.98 -3.53
N PHE A 34 -4.07 4.13 -4.00
CA PHE A 34 -5.05 4.92 -3.27
C PHE A 34 -6.12 4.01 -2.72
N GLY A 35 -6.30 4.03 -1.40
CA GLY A 35 -7.29 3.21 -0.74
C GLY A 35 -8.32 4.08 -0.06
N ASP A 36 -9.14 3.48 0.80
CA ASP A 36 -10.20 4.25 1.43
C ASP A 36 -9.67 5.37 2.32
N GLY A 37 -8.53 5.15 2.96
CA GLY A 37 -7.97 6.16 3.86
C GLY A 37 -7.49 7.39 3.11
N GLU A 38 -7.01 7.20 1.89
CA GLU A 38 -6.54 8.33 1.11
C GLU A 38 -7.71 9.19 0.68
N ILE A 39 -8.81 8.54 0.27
CA ILE A 39 -10.02 9.29 -0.06
C ILE A 39 -10.55 10.06 1.15
N ASP A 40 -10.56 9.41 2.32
CA ASP A 40 -10.93 10.05 3.58
C ASP A 40 -10.10 11.31 3.79
N LEU A 41 -8.78 11.19 3.63
CA LEU A 41 -7.88 12.28 3.91
C LEU A 41 -8.09 13.41 2.90
N MSE A 42 -8.20 13.05 1.62
CA MSE A 42 -8.33 14.05 0.56
C MSE A 42 -9.60 14.87 0.65
O MSE A 42 -9.65 16.03 0.23
CB MSE A 42 -8.26 13.39 -0.81
CG MSE A 42 -6.85 13.05 -1.24
SE MSE A 42 -6.76 12.28 -3.02
CE MSE A 42 -7.61 10.60 -2.62
N THR A 43 -10.65 14.26 1.20
CA THR A 43 -11.95 14.93 1.36
C THR A 43 -12.09 15.55 2.73
N GLY A 44 -11.01 15.52 3.50
CA GLY A 44 -10.97 16.27 4.74
C GLY A 44 -11.06 15.54 6.05
N HIS A 45 -10.84 14.22 6.05
CA HIS A 45 -11.00 13.45 7.27
C HIS A 45 -9.70 12.86 7.82
N SER A 46 -9.64 12.75 9.13
CA SER A 46 -8.52 12.08 9.77
C SER A 46 -8.75 10.58 9.78
N ILE A 47 -7.67 9.80 9.66
CA ILE A 47 -7.77 8.34 9.66
C ILE A 47 -6.91 7.79 10.80
N PRO A 48 -7.14 6.52 11.24
CA PRO A 48 -6.47 5.99 12.44
C PRO A 48 -4.95 6.24 12.59
N TYR A 49 -4.18 6.15 11.51
CA TYR A 49 -2.74 6.42 11.60
C TYR A 49 -2.23 7.67 10.87
N GLN A 50 -3.13 8.60 10.56
CA GLN A 50 -2.69 9.86 9.97
C GLN A 50 -3.78 10.91 10.14
N ASP A 51 -3.46 11.94 10.92
CA ASP A 51 -4.36 13.07 11.09
C ASP A 51 -4.51 13.80 9.79
N TYR A 52 -5.66 14.44 9.58
CA TYR A 52 -5.81 15.31 8.43
C TYR A 52 -4.71 16.38 8.40
N ASN A 53 -4.22 16.65 7.19
CA ASN A 53 -3.19 17.64 6.96
C ASN A 53 -3.40 18.21 5.56
N GLU A 54 -3.48 19.53 5.45
CA GLU A 54 -3.78 20.19 4.18
C GLU A 54 -2.80 19.91 3.05
N LYS A 55 -1.51 19.97 3.34
CA LYS A 55 -0.51 19.79 2.29
C LYS A 55 -0.52 18.34 1.81
N LEU A 56 -0.69 17.42 2.75
CA LEU A 56 -0.82 16.01 2.40
C LEU A 56 -2.05 15.81 1.52
N ALA A 57 -3.18 16.38 1.93
CA ALA A 57 -4.39 16.32 1.13
C ALA A 57 -4.19 16.84 -0.30
N LYS A 58 -3.53 17.99 -0.44
CA LYS A 58 -3.27 18.52 -1.78
C LYS A 58 -2.34 17.60 -2.60
N ARG A 59 -1.24 17.15 -1.99
CA ARG A 59 -0.31 16.26 -2.67
C ARG A 59 -1.01 15.00 -3.20
N LEU A 60 -1.79 14.34 -2.34
CA LEU A 60 -2.54 13.15 -2.71
C LEU A 60 -3.44 13.42 -3.92
N GLN A 61 -4.16 14.53 -3.90
CA GLN A 61 -4.98 14.90 -5.04
C GLN A 61 -4.14 15.07 -6.29
N GLN A 62 -2.99 15.72 -6.16
CA GLN A 62 -2.14 15.93 -7.31
C GLN A 62 -1.63 14.61 -7.86
N ILE A 63 -1.28 13.70 -6.96
CA ILE A 63 -0.76 12.40 -7.35
C ILE A 63 -1.81 11.56 -8.08
N LEU A 64 -3.03 11.55 -7.56
CA LEU A 64 -4.13 10.81 -8.19
C LEU A 64 -4.47 11.37 -9.57
N GLN A 65 -4.17 12.65 -9.78
CA GLN A 65 -4.43 13.28 -11.08
C GLN A 65 -3.34 12.97 -12.10
N THR A 66 -2.25 12.35 -11.66
CA THR A 66 -1.18 11.91 -12.54
C THR A 66 -1.55 10.65 -13.31
N LYS A 67 -1.58 10.76 -14.64
CA LYS A 67 -1.84 9.59 -15.47
C LYS A 67 -0.77 8.53 -15.24
N SER A 68 -1.17 7.26 -15.20
CA SER A 68 -0.21 6.18 -15.11
C SER A 68 0.65 6.21 -16.36
N ASP A 69 1.88 6.71 -16.21
CA ASP A 69 2.83 6.69 -17.30
C ASP A 69 3.87 5.60 -17.08
N GLU A 70 4.98 5.73 -17.77
CA GLU A 70 6.00 4.69 -17.75
C GLU A 70 6.76 4.67 -16.42
N LYS A 71 6.76 5.79 -15.70
CA LYS A 71 7.53 5.87 -14.46
C LYS A 71 6.70 5.48 -13.24
N LEU A 72 5.38 5.58 -13.36
CA LEU A 72 4.48 5.43 -12.21
C LEU A 72 3.18 4.71 -12.56
N LEU A 73 2.80 3.70 -11.76
CA LEU A 73 1.45 3.11 -11.86
C LEU A 73 0.61 3.63 -10.70
N VAL A 74 -0.48 4.32 -11.02
CA VAL A 74 -1.40 4.84 -10.02
C VAL A 74 -2.56 3.87 -9.84
N CYS A 75 -2.82 3.48 -8.59
CA CYS A 75 -3.78 2.40 -8.30
C CYS A 75 -5.01 2.87 -7.52
N LEU A 76 -6.13 2.20 -7.78
CA LEU A 76 -7.38 2.43 -7.08
C LEU A 76 -7.90 1.09 -6.55
N PRO A 77 -8.83 1.10 -5.59
CA PRO A 77 -9.39 -0.17 -5.10
C PRO A 77 -10.07 -0.92 -6.23
N ASP A 78 -9.82 -2.22 -6.33
CA ASP A 78 -10.35 -3.02 -7.44
C ASP A 78 -11.75 -3.50 -7.09
N VAL A 79 -12.70 -2.56 -7.06
CA VAL A 79 -14.04 -2.82 -6.54
C VAL A 79 -15.13 -2.24 -7.45
N PHE A 80 -14.73 -1.74 -8.60
CA PHE A 80 -15.66 -1.04 -9.47
C PHE A 80 -16.33 -1.98 -10.45
N SER A 81 -15.69 -3.12 -10.69
CA SER A 81 -16.28 -4.23 -11.42
C SER A 81 -15.95 -5.54 -10.72
N ASN A 82 -16.80 -6.55 -10.93
CA ASN A 82 -16.56 -7.89 -10.43
C ASN A 82 -16.38 -7.93 -8.91
N MSE A 83 -17.28 -7.23 -8.23
CA MSE A 83 -17.31 -7.18 -6.78
C MSE A 83 -17.50 -8.56 -6.15
O MSE A 83 -17.15 -8.77 -4.99
CB MSE A 83 -18.43 -6.24 -6.34
CG MSE A 83 -18.46 -5.95 -4.87
SE MSE A 83 -17.03 -4.77 -4.27
CE MSE A 83 -18.09 -3.15 -4.10
N ASP A 84 -18.05 -9.49 -6.91
CA ASP A 84 -18.35 -10.84 -6.43
C ASP A 84 -17.10 -11.63 -6.02
N ARG A 85 -15.93 -11.11 -6.40
CA ARG A 85 -14.66 -11.72 -6.00
C ARG A 85 -14.44 -11.68 -4.48
N TYR A 86 -15.09 -10.72 -3.83
CA TYR A 86 -14.86 -10.43 -2.41
C TYR A 86 -16.00 -10.91 -1.52
N ASN A 87 -15.69 -11.15 -0.24
CA ASN A 87 -16.73 -11.60 0.66
C ASN A 87 -17.76 -10.50 0.89
N GLN A 88 -18.93 -10.91 1.40
CA GLN A 88 -20.06 -10.00 1.51
C GLN A 88 -19.73 -8.77 2.32
N ASN A 89 -19.00 -8.92 3.42
CA ASN A 89 -18.68 -7.76 4.23
C ASN A 89 -17.78 -6.75 3.52
N ALA A 90 -16.79 -7.23 2.78
CA ALA A 90 -15.94 -6.37 1.97
C ALA A 90 -16.76 -5.65 0.90
N ARG A 91 -17.66 -6.38 0.24
CA ARG A 91 -18.49 -5.77 -0.80
C ARG A 91 -19.33 -4.63 -0.21
N HIS A 92 -19.94 -4.85 0.94
CA HIS A 92 -20.72 -3.80 1.59
C HIS A 92 -19.84 -2.61 1.96
N PHE A 93 -18.69 -2.87 2.57
CA PHE A 93 -17.79 -1.79 2.92
C PHE A 93 -17.46 -0.91 1.72
N TRP A 94 -17.07 -1.55 0.63
CA TRP A 94 -16.59 -0.77 -0.50
C TRP A 94 -17.68 0.00 -1.21
N GLU A 95 -18.85 -0.60 -1.39
CA GLU A 95 -19.93 0.13 -2.01
C GLU A 95 -20.34 1.35 -1.17
N ARG A 96 -20.50 1.15 0.14
CA ARG A 96 -20.81 2.25 1.06
C ARG A 96 -19.76 3.35 0.98
N HIS A 97 -18.50 2.93 0.87
CA HIS A 97 -17.40 3.87 0.76
C HIS A 97 -17.51 4.69 -0.51
N PHE A 98 -17.62 4.05 -1.67
CA PHE A 98 -17.61 4.89 -2.86
C PHE A 98 -18.90 5.70 -3.05
N LEU A 99 -19.98 5.32 -2.37
CA LEU A 99 -21.21 6.12 -2.39
C LEU A 99 -21.16 7.30 -1.41
N LYS A 100 -20.55 7.11 -0.24
CA LYS A 100 -20.27 8.20 0.70
C LYS A 100 -19.46 9.29 -0.01
N TYR A 101 -18.57 8.85 -0.91
CA TYR A 101 -17.66 9.75 -1.61
C TYR A 101 -18.00 9.82 -3.09
N SER A 102 -19.30 9.70 -3.40
CA SER A 102 -19.75 9.80 -4.78
C SER A 102 -19.31 11.10 -5.43
N GLU A 103 -19.38 12.22 -4.68
CA GLU A 103 -18.89 13.50 -5.20
C GLU A 103 -17.44 13.36 -5.65
N PHE A 104 -16.60 12.79 -4.78
CA PHE A 104 -15.20 12.63 -5.12
C PHE A 104 -14.97 11.65 -6.26
N TYR A 105 -15.51 10.45 -6.17
CA TYR A 105 -15.22 9.41 -7.17
C TYR A 105 -15.79 9.72 -8.57
N LEU A 106 -16.84 10.54 -8.62
CA LEU A 106 -17.47 10.87 -9.90
C LEU A 106 -16.64 11.85 -10.72
N ASN A 107 -15.69 12.53 -10.07
CA ASN A 107 -14.95 13.61 -10.73
C ASN A 107 -13.44 13.43 -10.71
N CYS A 108 -12.97 12.44 -9.97
CA CYS A 108 -11.53 12.31 -9.70
C CYS A 108 -10.77 11.50 -10.74
N CYS A 109 -11.43 10.52 -11.35
CA CYS A 109 -10.71 9.38 -11.89
C CYS A 109 -10.96 9.05 -13.36
N ASP A 110 -10.52 9.94 -14.23
CA ASP A 110 -10.79 9.83 -15.67
C ASP A 110 -9.66 9.22 -16.50
N ALA A 111 -8.59 8.75 -15.85
CA ALA A 111 -7.49 8.11 -16.55
C ALA A 111 -7.99 6.88 -17.31
N PRO A 112 -7.26 6.45 -18.36
CA PRO A 112 -7.75 5.30 -19.13
C PRO A 112 -7.71 4.01 -18.33
N PHE A 113 -6.76 3.89 -17.42
CA PHE A 113 -6.69 2.70 -16.58
C PHE A 113 -5.95 3.03 -15.30
N TYR A 114 -6.13 2.15 -14.32
CA TYR A 114 -5.45 2.24 -13.03
C TYR A 114 -4.90 0.88 -12.65
N GLY A 115 -3.88 0.85 -11.80
CA GLY A 115 -3.42 -0.39 -11.22
C GLY A 115 -4.35 -0.74 -10.07
N SER A 116 -4.12 -1.91 -9.46
CA SER A 116 -4.94 -2.32 -8.32
C SER A 116 -4.30 -2.01 -6.98
N THR A 117 -5.03 -1.27 -6.16
CA THR A 117 -4.62 -0.99 -4.80
C THR A 117 -4.48 -2.29 -4.01
N PHE A 118 -5.13 -3.34 -4.48
CA PHE A 118 -5.07 -4.61 -3.76
C PHE A 118 -3.84 -5.46 -4.05
N ILE A 119 -2.85 -4.92 -4.76
CA ILE A 119 -1.60 -5.66 -4.86
C ILE A 119 -0.98 -5.90 -3.47
N SER A 120 -1.34 -5.06 -2.49
CA SER A 120 -0.91 -5.26 -1.11
C SER A 120 -1.91 -6.08 -0.31
N ARG A 121 -3.08 -6.32 -0.90
CA ARG A 121 -4.18 -7.00 -0.20
C ARG A 121 -4.67 -8.20 -1.01
N PRO A 122 -3.85 -9.25 -1.10
CA PRO A 122 -4.16 -10.31 -2.06
C PRO A 122 -4.73 -11.58 -1.46
N TYR A 123 -5.37 -11.52 -0.30
CA TYR A 123 -5.84 -12.72 0.35
C TYR A 123 -7.10 -12.67 1.16
N ILE A 124 -7.13 -11.87 2.20
CA ILE A 124 -8.11 -12.10 3.27
C ILE A 124 -9.55 -11.82 2.89
N ASP A 125 -9.76 -10.93 1.93
CA ASP A 125 -11.15 -10.61 1.57
C ASP A 125 -11.65 -11.34 0.34
N LEU A 126 -10.80 -12.18 -0.26
CA LEU A 126 -11.20 -12.97 -1.42
C LEU A 126 -12.08 -14.13 -1.01
N ILE A 127 -13.06 -14.45 -1.83
CA ILE A 127 -13.82 -15.67 -1.60
C ILE A 127 -13.05 -16.89 -2.13
N ASP A 128 -12.48 -16.78 -3.33
CA ASP A 128 -11.63 -17.85 -3.84
C ASP A 128 -10.15 -17.46 -3.73
N LYS A 129 -9.48 -18.11 -2.79
CA LYS A 129 -8.11 -17.79 -2.42
C LYS A 129 -7.05 -18.54 -3.23
N SER A 130 -7.48 -19.27 -4.26
CA SER A 130 -6.57 -20.06 -5.09
C SER A 130 -5.44 -19.28 -5.79
N PRO A 131 -5.76 -18.12 -6.40
CA PRO A 131 -4.68 -17.41 -7.08
C PRO A 131 -3.72 -16.73 -6.10
N SER A 132 -3.96 -16.85 -4.81
CA SER A 132 -3.14 -16.15 -3.82
C SER A 132 -1.68 -16.55 -3.84
N GLU A 133 -1.41 -17.83 -4.00
CA GLU A 133 -0.04 -18.32 -4.14
C GLU A 133 0.61 -17.69 -5.37
N ALA A 134 -0.09 -17.71 -6.49
CA ALA A 134 0.41 -17.04 -7.68
C ALA A 134 0.63 -15.56 -7.39
N TYR A 135 -0.31 -14.96 -6.66
CA TYR A 135 -0.23 -13.56 -6.26
C TYR A 135 1.07 -13.33 -5.49
N PHE A 136 1.25 -14.08 -4.41
CA PHE A 136 2.42 -13.88 -3.56
C PHE A 136 3.73 -14.27 -4.25
N GLU A 137 3.70 -15.32 -5.07
CA GLU A 137 4.88 -15.68 -5.83
C GLU A 137 5.24 -14.61 -6.86
N SER A 138 4.22 -14.01 -7.50
CA SER A 138 4.48 -12.95 -8.47
C SER A 138 5.00 -11.69 -7.79
N LEU A 139 4.45 -11.38 -6.61
CA LEU A 139 4.93 -10.25 -5.83
C LEU A 139 6.41 -10.42 -5.46
N LYS A 140 6.77 -11.60 -4.99
CA LYS A 140 8.15 -11.88 -4.61
C LYS A 140 9.19 -11.66 -5.72
N GLU A 141 8.80 -11.86 -6.97
CA GLU A 141 9.67 -11.58 -8.12
C GLU A 141 10.11 -10.12 -8.25
N LEU A 142 9.41 -9.22 -7.57
CA LEU A 142 9.79 -7.82 -7.56
C LEU A 142 11.12 -7.59 -6.83
N TRP A 143 11.38 -8.40 -5.80
CA TRP A 143 12.55 -8.19 -4.97
C TRP A 143 13.57 -9.33 -4.92
N ARG A 144 13.23 -10.47 -5.51
CA ARG A 144 14.20 -11.57 -5.62
C ARG A 144 15.51 -11.03 -6.21
N GLY A 145 16.60 -11.21 -5.47
CA GLY A 145 17.92 -10.76 -5.93
C GLY A 145 18.19 -9.27 -5.88
N LYS A 146 17.23 -8.49 -5.36
CA LYS A 146 17.40 -7.04 -5.27
C LYS A 146 17.96 -6.60 -3.92
N ASP A 147 18.70 -5.51 -3.93
CA ASP A 147 19.03 -4.83 -2.70
C ASP A 147 17.86 -3.90 -2.40
N LEU A 148 17.28 -4.06 -1.21
CA LEU A 148 16.08 -3.30 -0.86
C LEU A 148 16.33 -2.20 0.16
N LEU A 149 15.59 -1.11 -0.02
CA LEU A 149 15.39 -0.11 1.01
C LEU A 149 13.92 -0.16 1.37
N ILE A 150 13.63 -0.54 2.61
CA ILE A 150 12.25 -0.61 3.09
C ILE A 150 12.01 0.59 4.00
N VAL A 151 11.06 1.44 3.62
CA VAL A 151 10.68 2.60 4.42
C VAL A 151 9.34 2.26 5.01
N GLU A 152 9.29 2.10 6.33
CA GLU A 152 8.07 1.62 7.00
C GLU A 152 8.03 2.16 8.42
N GLY A 153 6.94 1.88 9.12
CA GLY A 153 6.79 2.38 10.48
C GLY A 153 7.38 1.45 11.52
N ALA A 154 7.46 1.92 12.76
CA ALA A 154 8.08 1.15 13.84
C ALA A 154 7.36 -0.15 14.17
N THR A 155 6.05 -0.18 13.94
CA THR A 155 5.30 -1.40 14.21
C THR A 155 5.09 -2.26 12.97
N SER A 156 5.43 -1.73 11.80
CA SER A 156 5.18 -2.42 10.53
C SER A 156 5.90 -3.76 10.46
N ARG A 157 7.19 -3.73 10.72
CA ARG A 157 8.06 -4.90 10.74
C ARG A 157 7.77 -5.86 9.58
N SER A 158 7.79 -5.32 8.36
CA SER A 158 7.41 -6.08 7.18
C SER A 158 8.39 -7.22 6.93
N GLY A 159 7.87 -8.44 6.87
CA GLY A 159 8.73 -9.59 6.68
C GLY A 159 9.39 -10.12 7.94
N VAL A 160 9.25 -9.42 9.06
CA VAL A 160 9.91 -9.88 10.26
C VAL A 160 9.21 -11.12 10.80
N GLY A 161 9.97 -12.19 11.01
CA GLY A 161 9.37 -13.42 11.50
C GLY A 161 8.72 -14.26 10.43
N ASN A 162 8.90 -13.89 9.16
CA ASN A 162 8.44 -14.71 8.05
C ASN A 162 9.41 -14.66 6.87
N ASP A 163 9.13 -15.41 5.80
CA ASP A 163 10.08 -15.50 4.70
C ASP A 163 9.76 -14.61 3.50
N LEU A 164 8.92 -13.59 3.70
CA LEU A 164 8.46 -12.76 2.58
C LEU A 164 9.61 -12.22 1.73
N PHE A 165 10.66 -11.72 2.39
CA PHE A 165 11.78 -11.12 1.69
C PHE A 165 13.06 -11.94 1.75
N VAL A 166 12.93 -13.24 1.96
CA VAL A 166 14.11 -14.10 2.16
C VAL A 166 15.08 -14.03 0.98
N ALA A 167 14.56 -13.79 -0.23
CA ALA A 167 15.40 -13.84 -1.42
C ALA A 167 15.97 -12.48 -1.86
N ALA A 168 15.69 -11.43 -1.09
CA ALA A 168 16.32 -10.13 -1.32
C ALA A 168 17.79 -10.25 -0.97
N SER A 169 18.66 -9.64 -1.78
CA SER A 169 20.10 -9.76 -1.55
C SER A 169 20.51 -9.06 -0.27
N SER A 170 19.87 -7.93 0.00
CA SER A 170 20.12 -7.19 1.23
C SER A 170 18.90 -6.35 1.51
N ILE A 171 18.73 -6.02 2.78
CA ILE A 171 17.67 -5.13 3.20
C ILE A 171 18.22 -4.05 4.13
N LYS A 172 17.93 -2.80 3.80
CA LYS A 172 18.13 -1.70 4.73
C LYS A 172 16.74 -1.14 5.02
N ARG A 173 16.51 -0.71 6.25
CA ARG A 173 15.23 -0.16 6.66
C ARG A 173 15.36 1.23 7.27
N LEU A 174 14.50 2.13 6.81
CA LEU A 174 14.33 3.44 7.40
C LEU A 174 13.06 3.33 8.23
N VAL A 175 13.17 3.35 9.56
CA VAL A 175 12.02 3.10 10.41
C VAL A 175 11.42 4.39 10.95
N CYS A 176 10.22 4.69 10.47
CA CYS A 176 9.51 5.96 10.67
C CYS A 176 8.40 5.84 11.74
N PRO A 177 7.69 6.96 12.05
CA PRO A 177 6.60 6.78 13.03
C PRO A 177 5.46 5.89 12.54
N SER A 178 4.85 5.13 13.45
CA SER A 178 3.81 4.17 13.12
C SER A 178 2.49 4.89 12.83
N LYS A 179 2.38 6.14 13.29
CA LYS A 179 1.23 6.98 13.02
C LYS A 179 1.72 8.38 12.75
N ASN A 180 0.99 9.12 11.91
CA ASN A 180 1.33 10.52 11.65
C ASN A 180 2.76 10.73 11.16
N ALA A 181 3.21 9.80 10.34
CA ALA A 181 4.53 9.91 9.75
C ALA A 181 4.66 11.19 8.93
N PHE A 182 3.54 11.77 8.49
CA PHE A 182 3.63 12.99 7.73
C PHE A 182 4.19 14.17 8.55
N GLN A 183 4.02 14.12 9.88
CA GLN A 183 4.62 15.12 10.80
C GLN A 183 6.13 15.24 10.65
N TYR A 184 6.74 14.22 10.05
CA TYR A 184 8.19 14.14 9.92
C TYR A 184 8.56 13.97 8.45
N TYR A 185 7.65 14.37 7.56
CA TYR A 185 7.83 14.11 6.13
C TYR A 185 9.16 14.56 5.53
N ASP A 186 9.56 15.79 5.80
CA ASP A 186 10.79 16.32 5.23
C ASP A 186 12.00 15.42 5.51
N GLU A 187 12.15 14.96 6.76
CA GLU A 187 13.26 14.06 7.10
C GLU A 187 13.17 12.71 6.38
N ILE A 188 11.98 12.13 6.36
CA ILE A 188 11.80 10.81 5.75
C ILE A 188 12.26 10.84 4.31
N LEU A 189 11.84 11.87 3.58
CA LEU A 189 12.24 12.00 2.19
C LEU A 189 13.75 12.19 2.09
N ARG A 190 14.31 13.00 2.98
CA ARG A 190 15.74 13.31 2.95
C ARG A 190 16.59 12.04 3.13
N LEU A 191 16.27 11.24 4.13
CA LEU A 191 17.04 10.01 4.40
C LEU A 191 16.74 8.87 3.43
N THR A 192 15.53 8.83 2.88
CA THR A 192 15.23 7.79 1.89
C THR A 192 16.15 7.98 0.70
N GLU A 193 16.22 9.21 0.22
CA GLU A 193 17.12 9.55 -0.88
C GLU A 193 18.57 9.15 -0.62
N LYS A 194 19.07 9.49 0.56
CA LYS A 194 20.46 9.21 0.92
C LYS A 194 20.74 7.71 0.98
N ASN A 195 19.72 6.93 1.32
CA ASN A 195 19.93 5.50 1.55
C ASN A 195 19.53 4.61 0.39
N ALA A 196 19.07 5.21 -0.70
CA ALA A 196 18.42 4.46 -1.76
C ALA A 196 19.30 4.15 -2.94
N LYS A 197 20.57 4.54 -2.87
CA LYS A 197 21.46 4.33 -4.01
C LYS A 197 21.54 2.83 -4.37
N ASN A 198 21.21 2.54 -5.62
CA ASN A 198 21.23 1.19 -6.16
C ASN A 198 20.27 0.21 -5.47
N ARG A 199 19.23 0.74 -4.84
CA ARG A 199 18.22 -0.11 -4.20
C ARG A 199 16.83 0.10 -4.77
N LEU A 200 16.06 -0.99 -4.79
CA LEU A 200 14.62 -0.92 -4.99
C LEU A 200 13.98 -0.48 -3.68
N ILE A 201 13.13 0.54 -3.73
CA ILE A 201 12.52 1.10 -2.52
C ILE A 201 11.12 0.53 -2.35
N LEU A 202 10.84 -0.02 -1.16
CA LEU A 202 9.50 -0.49 -0.87
C LEU A 202 8.99 0.35 0.27
N VAL A 203 7.76 0.86 0.14
CA VAL A 203 7.25 1.77 1.17
C VAL A 203 5.97 1.24 1.79
N MSE A 204 5.96 1.14 3.11
CA MSE A 204 4.77 0.73 3.86
C MSE A 204 4.50 1.79 4.91
O MSE A 204 5.01 1.71 6.02
CB MSE A 204 4.99 -0.64 4.50
CG MSE A 204 5.25 -1.79 3.51
SE MSE A 204 7.06 -1.74 2.73
CE MSE A 204 7.32 -3.66 2.46
N LEU A 205 3.74 2.81 4.54
CA LEU A 205 3.69 4.01 5.37
C LEU A 205 2.41 4.81 5.16
N GLY A 206 1.29 4.14 4.93
CA GLY A 206 0.00 4.82 4.89
C GLY A 206 -0.02 5.94 3.87
N PRO A 207 -0.73 7.04 4.18
CA PRO A 207 -0.83 8.10 3.18
C PRO A 207 0.51 8.77 2.86
N THR A 208 1.42 8.77 3.81
CA THR A 208 2.74 9.36 3.59
C THR A 208 3.50 8.62 2.49
N ALA A 209 3.28 7.30 2.42
CA ALA A 209 3.92 6.48 1.40
C ALA A 209 3.63 6.97 -0.01
N LYS A 210 2.41 7.45 -0.24
CA LYS A 210 2.01 7.87 -1.57
C LYS A 210 2.80 9.11 -2.03
N VAL A 211 2.98 10.07 -1.13
CA VAL A 211 3.75 11.28 -1.46
C VAL A 211 5.23 10.93 -1.59
N LEU A 212 5.72 10.08 -0.70
CA LEU A 212 7.10 9.60 -0.80
C LEU A 212 7.38 8.95 -2.16
N VAL A 213 6.54 7.99 -2.55
CA VAL A 213 6.71 7.33 -3.85
C VAL A 213 6.69 8.33 -5.00
N ALA A 214 5.77 9.28 -4.92
CA ALA A 214 5.67 10.31 -5.96
C ALA A 214 6.92 11.18 -6.00
N ASP A 215 7.37 11.66 -4.84
CA ASP A 215 8.54 12.56 -4.77
C ASP A 215 9.81 11.84 -5.15
N LEU A 216 9.91 10.57 -4.72
CA LEU A 216 11.06 9.73 -5.10
C LEU A 216 11.08 9.55 -6.60
N THR A 217 9.90 9.29 -7.16
CA THR A 217 9.74 9.04 -8.59
C THR A 217 10.09 10.30 -9.38
N THR A 218 9.81 11.47 -8.79
CA THR A 218 10.18 12.74 -9.42
C THR A 218 11.70 12.87 -9.44
N LYS A 219 12.36 12.39 -8.38
CA LYS A 219 13.82 12.44 -8.27
C LYS A 219 14.49 11.21 -8.91
N GLY A 220 13.72 10.46 -9.70
CA GLY A 220 14.29 9.40 -10.52
C GLY A 220 14.27 7.96 -9.99
N TYR A 221 13.83 7.75 -8.76
CA TYR A 221 13.87 6.41 -8.15
C TYR A 221 12.63 5.58 -8.43
N GLN A 222 12.80 4.25 -8.48
CA GLN A 222 11.67 3.33 -8.47
C GLN A 222 11.29 2.99 -7.03
N ALA A 223 10.04 3.26 -6.68
CA ALA A 223 9.55 3.03 -5.34
C ALA A 223 8.20 2.35 -5.43
N ILE A 224 8.01 1.28 -4.65
CA ILE A 224 6.76 0.54 -4.70
C ILE A 224 6.04 0.61 -3.36
N ASP A 225 4.84 1.18 -3.40
CA ASP A 225 3.95 1.30 -2.24
C ASP A 225 3.30 -0.06 -1.96
N LEU A 226 3.74 -0.72 -0.89
CA LEU A 226 3.29 -2.08 -0.59
C LEU A 226 2.43 -2.18 0.67
N GLY A 227 2.23 -1.07 1.37
CA GLY A 227 1.23 -1.00 2.42
C GLY A 227 1.20 -2.17 3.39
N HIS A 228 0.03 -2.81 3.49
CA HIS A 228 -0.19 -3.90 4.45
C HIS A 228 0.16 -5.30 3.95
N ILE A 229 1.05 -5.41 2.95
CA ILE A 229 1.40 -6.72 2.42
C ILE A 229 1.80 -7.72 3.50
N ASP A 230 2.47 -7.28 4.56
CA ASP A 230 2.93 -8.21 5.58
C ASP A 230 1.76 -8.85 6.33
N SER A 231 0.73 -8.07 6.61
CA SER A 231 -0.43 -8.62 7.32
C SER A 231 -1.10 -9.69 6.49
N GLU A 232 -1.30 -9.38 5.22
CA GLU A 232 -1.93 -10.33 4.31
C GLU A 232 -1.08 -11.58 4.16
N TYR A 233 0.24 -11.42 4.07
CA TYR A 233 1.12 -12.58 3.98
C TYR A 233 1.05 -13.42 5.24
N GLU A 234 1.01 -12.78 6.40
CA GLU A 234 0.90 -13.53 7.66
C GLU A 234 -0.40 -14.33 7.70
N TRP A 235 -1.51 -13.68 7.33
CA TRP A 235 -2.81 -14.34 7.29
C TRP A 235 -2.77 -15.54 6.33
N TYR A 236 -2.17 -15.35 5.16
CA TYR A 236 -2.04 -16.40 4.13
C TYR A 236 -1.23 -17.58 4.66
N GLU A 237 -0.05 -17.30 5.20
CA GLU A 237 0.81 -18.36 5.74
C GLU A 237 0.12 -19.21 6.81
N MSE A 238 -0.80 -18.59 7.54
CA MSE A 238 -1.58 -19.22 8.60
C MSE A 238 -2.73 -20.02 8.01
O MSE A 238 -3.36 -20.83 8.69
CB MSE A 238 -2.19 -18.14 9.48
CG MSE A 238 -1.46 -17.80 10.76
SE MSE A 238 -2.26 -16.16 11.48
CE MSE A 238 -2.05 -16.57 13.36
N GLY A 239 -3.02 -19.76 6.74
CA GLY A 239 -4.22 -20.26 6.11
C GLY A 239 -5.46 -19.67 6.76
N ALA A 240 -5.31 -18.44 7.27
CA ALA A 240 -6.39 -17.76 7.98
C ALA A 240 -7.61 -17.48 7.10
N THR A 241 -8.77 -17.40 7.75
CA THR A 241 -10.04 -17.21 7.05
C THR A 241 -10.67 -15.88 7.42
N TYR A 242 -10.12 -15.24 8.45
CA TYR A 242 -10.56 -13.89 8.83
C TYR A 242 -9.39 -13.06 9.36
N LYS A 243 -9.63 -11.79 9.63
CA LYS A 243 -8.58 -10.87 10.09
C LYS A 243 -8.22 -11.07 11.55
N VAL A 244 -7.32 -12.02 11.81
CA VAL A 244 -6.86 -12.27 13.18
C VAL A 244 -5.73 -11.32 13.58
N LYS A 245 -5.81 -10.79 14.80
CA LYS A 245 -4.80 -9.89 15.33
C LYS A 245 -3.45 -10.60 15.50
N LEU A 246 -2.39 -9.94 15.03
CA LEU A 246 -1.04 -10.46 15.24
C LEU A 246 -0.52 -9.88 16.55
N THR A 247 0.27 -10.68 17.26
CA THR A 247 0.68 -10.30 18.59
C THR A 247 2.00 -9.55 18.62
N ASN A 248 2.82 -9.69 17.57
CA ASN A 248 4.20 -9.22 17.60
C ASN A 248 4.53 -7.98 16.75
N LYS A 249 3.53 -7.47 16.05
CA LYS A 249 3.72 -6.37 15.12
C LYS A 249 2.35 -5.77 14.85
N HIS A 250 2.35 -4.71 14.03
CA HIS A 250 1.13 -4.11 13.52
C HIS A 250 0.28 -5.11 12.75
N THR A 251 -1.04 -4.96 12.84
CA THR A 251 -1.94 -5.77 12.03
C THR A 251 -2.88 -4.85 11.27
N ALA A 252 -3.01 -5.08 9.96
CA ALA A 252 -3.96 -4.33 9.15
C ALA A 252 -5.34 -4.25 9.78
N GLU A 253 -5.90 -3.03 9.80
CA GLU A 253 -7.24 -2.71 10.32
C GLU A 253 -7.39 -2.87 11.84
N PHE A 254 -6.28 -3.18 12.50
CA PHE A 254 -6.18 -2.99 13.94
C PHE A 254 -5.25 -1.80 14.13
N ASN A 255 -5.67 -0.65 13.62
CA ASN A 255 -4.71 0.43 13.34
C ASN A 255 -4.30 1.35 14.50
N TYR A 256 -4.84 1.10 15.70
CA TYR A 256 -4.42 1.84 16.89
C TYR A 256 -3.08 1.33 17.42
N ASP A 257 -2.67 0.15 16.95
CA ASP A 257 -1.46 -0.52 17.43
C ASP A 257 -1.46 -0.71 18.94
N GLU A 258 -2.59 -1.18 19.45
CA GLU A 258 -2.71 -1.48 20.86
C GLU A 258 -2.42 -2.97 21.07
N GLY A 259 -1.91 -3.31 22.24
CA GLY A 259 -1.72 -4.71 22.58
C GLY A 259 -0.60 -5.48 21.87
N ILE A 260 0.43 -4.77 21.40
CA ILE A 260 1.53 -5.44 20.70
C ILE A 260 2.67 -5.81 21.64
N GLU A 261 3.12 -7.07 21.56
CA GLU A 261 4.34 -7.52 22.23
C GLU A 261 5.49 -7.55 21.24
N LEU A 262 6.28 -6.48 21.21
CA LEU A 262 7.40 -6.43 20.29
C LEU A 262 8.47 -7.41 20.73
N GLU A 263 9.18 -7.93 19.75
CA GLU A 263 10.28 -8.83 20.04
C GLU A 263 11.55 -8.18 19.58
N PHE A 264 12.65 -8.71 20.06
CA PHE A 264 13.94 -8.37 19.49
C PHE A 264 14.24 -9.38 18.41
N SER A 265 14.28 -8.89 17.19
CA SER A 265 14.71 -9.68 16.06
C SER A 265 16.03 -9.07 15.62
N GLN A 266 17.11 -9.74 15.96
CA GLN A 266 18.46 -9.26 15.66
C GLN A 266 18.67 -9.00 14.17
N GLU A 267 18.13 -9.87 13.32
CA GLU A 267 18.24 -9.67 11.88
C GLU A 267 17.56 -8.36 11.45
N TYR A 268 16.34 -8.14 11.92
CA TYR A 268 15.63 -6.88 11.74
C TYR A 268 16.45 -5.69 12.24
N GLN A 269 16.91 -5.76 13.49
CA GLN A 269 17.72 -4.69 14.05
C GLN A 269 18.94 -4.36 13.21
N GLU A 270 19.60 -5.37 12.67
CA GLU A 270 20.79 -5.16 11.85
C GLU A 270 20.49 -4.51 10.49
N GLN A 271 19.21 -4.55 10.08
CA GLN A 271 18.79 -3.94 8.83
C GLN A 271 18.45 -2.47 8.99
N ILE A 272 18.22 -2.04 10.22
CA ILE A 272 17.77 -0.68 10.45
C ILE A 272 18.91 0.32 10.26
N VAL A 273 18.77 1.24 9.31
CA VAL A 273 19.82 2.24 9.13
C VAL A 273 19.59 3.48 9.98
N ALA A 274 18.32 3.85 10.18
CA ALA A 274 18.01 5.01 11.00
C ALA A 274 16.56 4.95 11.45
N ARG A 275 16.27 5.64 12.55
CA ARG A 275 14.91 5.79 13.03
C ARG A 275 14.53 7.27 12.93
N ILE A 276 13.28 7.53 12.57
CA ILE A 276 12.75 8.89 12.50
C ILE A 276 11.54 9.05 13.41
N GLY A 277 11.50 10.14 14.17
CA GLY A 277 10.39 10.40 15.07
C GLY A 277 10.84 10.97 16.41
N1 UDP B . 2.02 3.28 8.56
C2 UDP B . 3.06 3.80 9.30
N3 UDP B . 3.04 5.13 9.66
C4 UDP B . 1.98 5.94 9.30
C5 UDP B . 0.94 5.42 8.53
C6 UDP B . 0.91 4.04 8.31
O2 UDP B . 4.00 3.08 9.62
O4 UDP B . 1.96 7.14 9.62
C1' UDP B . 2.11 1.88 8.11
C2' UDP B . 1.29 0.85 8.85
O2' UDP B . 1.91 0.46 10.06
C3' UDP B . 1.29 -0.28 7.82
C4' UDP B . 1.29 0.47 6.49
O4' UDP B . 1.63 1.82 6.78
O3' UDP B . 2.48 -1.05 7.91
C5' UDP B . -0.06 0.43 5.77
O5' UDP B . 0.00 1.25 4.63
PA UDP B . -1.29 1.50 3.70
O1A UDP B . -0.81 2.08 2.42
O2A UDP B . -2.35 2.23 4.41
O3A UDP B . -1.77 -0.05 3.49
PB UDP B . -2.89 -0.73 2.54
O1B UDP B . -2.20 -1.89 1.98
O2B UDP B . -3.42 0.24 1.54
O3B UDP B . -3.98 -1.19 3.48
#